data_4F40
#
_entry.id   4F40
#
_cell.length_a   94.550
_cell.length_b   34.590
_cell.length_c   107.200
_cell.angle_alpha   90.000
_cell.angle_beta   103.220
_cell.angle_gamma   90.000
#
_symmetry.space_group_name_H-M   'P 1 21 1'
#
loop_
_entity.id
_entity.type
_entity.pdbx_description
1 polymer 'Prostaglandin f2-alpha synthase/D-arabinose dehydrogenase'
2 non-polymer 'CITRIC ACID'
3 non-polymer 1,2-ETHANEDIOL
4 non-polymer 'CHLORIDE ION'
5 water water
#
_entity_poly.entity_id   1
_entity_poly.type   'polypeptide(L)'
_entity_poly.pdbx_seq_one_letter_code
;GPGSMAGVDKAMVTLSNGVKMPQFGLGVWQSPAGEVTENAVKWALCAGYRHIDTAAIYKNEESVGAGLRASGVPREDVFI
TTKLWNTEQGYESTLAAFEESRQKLGVDYIDLYLIHWPRGKDILSKEGKKYLDSWRAFEQLYKEKKVRAIGVSNFHIHHL
EDVLAMCTVTPMVNQVELHPLNNQADLRAFCDAKQIKVEAWSPLGQGKLLSNPILSAIGAKYNKTAAQVILRWNIQKNLI
TIPKSVHRERIEENADIFDFELGAEDVMSIDALNTNSRYGPDPDEAQF
;
_entity_poly.pdbx_strand_id   A,B
#
loop_
_chem_comp.id
_chem_comp.type
_chem_comp.name
_chem_comp.formula
CIT non-polymer 'CITRIC ACID' 'C6 H8 O7'
CL non-polymer 'CHLORIDE ION' 'Cl -1'
EDO non-polymer 1,2-ETHANEDIOL 'C2 H6 O2'
#
# COMPACT_ATOMS: atom_id res chain seq x y z
N GLY A 7 11.62 -1.26 -15.95
CA GLY A 7 10.60 -1.26 -14.91
C GLY A 7 9.42 -0.38 -15.25
N VAL A 8 8.39 -0.35 -14.40
CA VAL A 8 7.15 0.35 -14.74
C VAL A 8 7.38 1.85 -14.91
N ASP A 9 8.36 2.40 -14.22
CA ASP A 9 8.65 3.83 -14.33
C ASP A 9 9.53 4.12 -15.54
N LYS A 10 10.12 3.07 -16.13
CA LYS A 10 11.18 3.25 -17.16
C LYS A 10 10.84 2.82 -18.61
N ALA A 11 9.87 1.92 -18.77
CA ALA A 11 9.50 1.43 -20.11
C ALA A 11 8.75 2.52 -20.85
N MET A 12 9.27 2.92 -22.01
CA MET A 12 8.78 4.09 -22.72
C MET A 12 8.54 3.76 -24.19
N VAL A 13 7.57 4.44 -24.83
CA VAL A 13 7.42 4.36 -26.26
C VAL A 13 7.67 5.77 -26.74
N THR A 14 8.47 5.95 -27.79
CA THR A 14 8.75 7.28 -28.36
C THR A 14 7.71 7.61 -29.42
N LEU A 15 6.91 8.65 -29.19
CA LEU A 15 5.90 9.03 -30.13
C LEU A 15 6.59 9.65 -31.35
N SER A 16 5.84 9.84 -32.42
CA SER A 16 6.42 10.35 -33.67
C SER A 16 7.05 11.73 -33.51
N ASN A 17 6.60 12.54 -32.55
CA ASN A 17 7.18 13.87 -32.27
C ASN A 17 8.29 13.86 -31.24
N GLY A 18 8.77 12.66 -30.90
CA GLY A 18 9.87 12.54 -29.95
C GLY A 18 9.51 12.50 -28.48
N VAL A 19 8.25 12.77 -28.15
CA VAL A 19 7.82 12.68 -26.75
C VAL A 19 7.91 11.23 -26.26
N LYS A 20 8.44 11.07 -25.03
CA LYS A 20 8.54 9.72 -24.43
C LYS A 20 7.30 9.48 -23.58
N MET A 21 6.50 8.52 -23.99
CA MET A 21 5.24 8.21 -23.28
C MET A 21 5.43 6.89 -22.54
N PRO A 22 5.20 6.90 -21.20
CA PRO A 22 5.35 5.60 -20.54
C PRO A 22 4.44 4.54 -21.09
N GLN A 23 5.06 3.37 -21.36
CA GLN A 23 4.33 2.28 -22.02
C GLN A 23 3.22 1.72 -21.16
N PHE A 24 3.32 1.90 -19.84
CA PHE A 24 2.37 1.30 -18.89
C PHE A 24 1.81 2.43 -18.07
N GLY A 25 0.48 2.43 -17.91
CA GLY A 25 -0.14 3.45 -17.09
C GLY A 25 -1.37 2.94 -16.38
N LEU A 26 -1.91 3.80 -15.50
CA LEU A 26 -3.15 3.47 -14.79
C LEU A 26 -4.35 4.07 -15.50
N GLY A 27 -5.31 3.23 -15.87
CA GLY A 27 -6.57 3.74 -16.40
C GLY A 27 -7.47 4.13 -15.23
N VAL A 28 -8.16 5.27 -15.32
CA VAL A 28 -9.18 5.57 -14.31
C VAL A 28 -10.59 5.67 -14.89
N TRP A 29 -10.75 5.10 -16.06
CA TRP A 29 -12.06 4.80 -16.60
C TRP A 29 -12.98 4.05 -15.60
N GLN A 30 -14.16 4.58 -15.32
CA GLN A 30 -15.13 4.01 -14.37
C GLN A 30 -14.69 4.01 -12.90
N SER A 31 -13.61 4.70 -12.57
CA SER A 31 -13.26 4.88 -11.16
CA SER A 31 -13.22 4.90 -11.16
C SER A 31 -14.02 6.08 -10.67
N PRO A 32 -14.78 5.91 -9.60
CA PRO A 32 -15.61 7.02 -9.10
C PRO A 32 -14.81 8.25 -8.68
N ALA A 33 -15.33 9.44 -8.93
CA ALA A 33 -14.73 10.69 -8.45
C ALA A 33 -14.62 10.69 -6.92
N GLY A 34 -13.61 11.37 -6.40
CA GLY A 34 -13.44 11.44 -4.95
C GLY A 34 -12.32 10.54 -4.44
N GLU A 35 -12.43 10.08 -3.18
CA GLU A 35 -11.38 9.28 -2.54
C GLU A 35 -10.97 8.04 -3.33
N VAL A 36 -11.92 7.34 -3.95
CA VAL A 36 -11.56 6.15 -4.70
C VAL A 36 -10.57 6.44 -5.83
N THR A 37 -10.84 7.47 -6.63
CA THR A 37 -9.90 7.80 -7.68
C THR A 37 -8.64 8.42 -7.10
N GLU A 38 -8.77 9.29 -6.10
CA GLU A 38 -7.56 9.87 -5.54
C GLU A 38 -6.61 8.77 -5.06
N ASN A 39 -7.15 7.79 -4.33
CA ASN A 39 -6.30 6.74 -3.78
C ASN A 39 -5.70 5.90 -4.89
N ALA A 40 -6.49 5.59 -5.93
CA ALA A 40 -5.98 4.72 -6.99
C ALA A 40 -4.79 5.40 -7.64
N VAL A 41 -4.95 6.68 -7.96
CA VAL A 41 -3.85 7.45 -8.54
C VAL A 41 -2.62 7.54 -7.61
N LYS A 42 -2.85 7.90 -6.34
CA LYS A 42 -1.76 7.98 -5.38
C LYS A 42 -1.02 6.63 -5.24
N TRP A 43 -1.77 5.54 -5.12
CA TRP A 43 -1.14 4.22 -4.97
C TRP A 43 -0.36 3.83 -6.23
N ALA A 44 -0.92 4.11 -7.41
CA ALA A 44 -0.21 3.82 -8.65
C ALA A 44 1.11 4.60 -8.70
N LEU A 45 1.06 5.91 -8.46
CA LEU A 45 2.29 6.72 -8.49
C LEU A 45 3.30 6.23 -7.47
N CYS A 46 2.83 5.87 -6.28
CA CYS A 46 3.73 5.36 -5.24
C CYS A 46 4.38 4.01 -5.63
N ALA A 47 3.68 3.23 -6.43
CA ALA A 47 4.18 1.95 -6.93
C ALA A 47 5.07 2.11 -8.15
N GLY A 48 5.26 3.34 -8.64
CA GLY A 48 6.17 3.55 -9.75
C GLY A 48 5.50 3.88 -11.09
N TYR A 49 4.18 3.85 -11.16
CA TYR A 49 3.53 4.27 -12.39
C TYR A 49 3.87 5.73 -12.62
N ARG A 50 4.00 6.09 -13.89
CA ARG A 50 4.32 7.49 -14.21
C ARG A 50 3.39 7.94 -15.33
N HIS A 51 2.21 7.32 -15.44
CA HIS A 51 1.27 7.62 -16.53
C HIS A 51 -0.14 7.35 -16.03
N ILE A 52 -1.00 8.37 -16.11
CA ILE A 52 -2.42 8.20 -15.70
C ILE A 52 -3.27 8.58 -16.87
N ASP A 53 -4.29 7.78 -17.16
CA ASP A 53 -5.18 7.99 -18.30
C ASP A 53 -6.57 8.26 -17.76
N THR A 54 -7.10 9.47 -18.06
CA THR A 54 -8.44 9.85 -17.65
C THR A 54 -9.18 10.43 -18.85
N ALA A 55 -10.35 11.02 -18.59
CA ALA A 55 -11.20 11.58 -19.65
C ALA A 55 -12.19 12.50 -19.00
N ALA A 56 -12.59 13.55 -19.73
CA ALA A 56 -13.64 14.42 -19.21
C ALA A 56 -14.89 13.67 -18.81
N ILE A 57 -15.29 12.68 -19.62
CA ILE A 57 -16.56 12.00 -19.37
C ILE A 57 -16.48 11.09 -18.13
N TYR A 58 -15.26 10.78 -17.65
CA TYR A 58 -15.14 9.99 -16.40
C TYR A 58 -15.47 10.84 -15.18
N LYS A 59 -15.51 12.16 -15.35
CA LYS A 59 -15.90 13.11 -14.30
C LYS A 59 -15.02 12.98 -13.03
N ASN A 60 -13.77 12.60 -13.23
CA ASN A 60 -12.87 12.40 -12.11
C ASN A 60 -11.53 13.08 -12.31
N GLU A 61 -11.45 14.04 -13.25
CA GLU A 61 -10.17 14.72 -13.45
C GLU A 61 -9.70 15.50 -12.22
N GLU A 62 -10.62 16.09 -11.45
CA GLU A 62 -10.20 16.77 -10.21
C GLU A 62 -9.50 15.79 -9.27
N SER A 63 -10.03 14.58 -9.19
CA SER A 63 -9.49 13.58 -8.29
C SER A 63 -8.13 13.08 -8.78
N VAL A 64 -7.96 12.97 -10.09
CA VAL A 64 -6.65 12.64 -10.62
C VAL A 64 -5.63 13.67 -10.22
N GLY A 65 -5.97 14.95 -10.39
CA GLY A 65 -5.04 15.99 -9.97
C GLY A 65 -4.76 15.94 -8.49
N ALA A 66 -5.79 15.70 -7.68
CA ALA A 66 -5.60 15.62 -6.24
C ALA A 66 -4.72 14.42 -5.84
N GLY A 67 -4.92 13.30 -6.51
CA GLY A 67 -4.10 12.13 -6.26
C GLY A 67 -2.65 12.37 -6.63
N LEU A 68 -2.42 13.05 -7.74
CA LEU A 68 -1.05 13.38 -8.15
C LEU A 68 -0.40 14.28 -7.12
N ARG A 69 -1.12 15.31 -6.67
CA ARG A 69 -0.56 16.16 -5.63
C ARG A 69 -0.31 15.38 -4.33
N ALA A 70 -1.18 14.45 -4.00
CA ALA A 70 -1.02 13.70 -2.76
C ALA A 70 0.21 12.81 -2.81
N SER A 71 0.60 12.40 -4.02
CA SER A 71 1.62 11.37 -4.17
C SER A 71 2.99 11.95 -3.88
N GLY A 72 3.13 13.26 -4.07
CA GLY A 72 4.43 13.90 -3.90
C GLY A 72 5.38 13.72 -5.08
N VAL A 73 4.95 12.99 -6.12
CA VAL A 73 5.79 12.82 -7.30
C VAL A 73 5.71 14.10 -8.13
N PRO A 74 6.86 14.66 -8.56
CA PRO A 74 6.80 15.95 -9.28
C PRO A 74 5.93 15.85 -10.54
N ARG A 75 5.09 16.83 -10.81
CA ARG A 75 4.21 16.73 -11.95
C ARG A 75 4.98 16.49 -13.25
N GLU A 76 6.18 17.07 -13.38
CA GLU A 76 6.94 16.90 -14.61
C GLU A 76 7.45 15.49 -14.85
N ASP A 77 7.38 14.63 -13.83
CA ASP A 77 7.77 13.24 -13.99
C ASP A 77 6.57 12.34 -14.33
N VAL A 78 5.38 12.91 -14.45
CA VAL A 78 4.19 12.08 -14.71
C VAL A 78 3.56 12.47 -16.04
N PHE A 79 3.08 11.49 -16.79
CA PHE A 79 2.43 11.73 -18.09
C PHE A 79 0.92 11.62 -17.88
N ILE A 80 0.20 12.71 -18.13
CA ILE A 80 -1.26 12.73 -17.94
CA ILE A 80 -1.26 12.73 -17.94
C ILE A 80 -1.95 12.80 -19.29
N THR A 81 -2.84 11.83 -19.56
CA THR A 81 -3.66 11.83 -20.75
C THR A 81 -5.08 12.16 -20.38
N THR A 82 -5.72 13.04 -21.13
CA THR A 82 -7.20 13.13 -21.00
C THR A 82 -7.84 13.29 -22.39
N LYS A 83 -9.16 13.37 -22.45
CA LYS A 83 -9.89 13.15 -23.71
C LYS A 83 -11.05 14.13 -23.84
N LEU A 84 -11.27 14.56 -25.07
CA LEU A 84 -12.37 15.41 -25.49
C LEU A 84 -13.62 14.56 -25.64
N TRP A 85 -14.69 14.91 -24.93
CA TRP A 85 -15.92 14.12 -25.04
C TRP A 85 -16.73 14.47 -26.29
N ASN A 86 -17.51 13.48 -26.76
CA ASN A 86 -18.19 13.53 -28.04
C ASN A 86 -19.08 14.73 -28.25
N THR A 87 -19.74 15.19 -27.19
CA THR A 87 -20.69 16.29 -27.35
C THR A 87 -20.01 17.64 -27.50
N GLU A 88 -18.69 17.67 -27.32
CA GLU A 88 -17.95 18.95 -27.32
C GLU A 88 -17.13 19.10 -28.57
N GLN A 89 -17.33 18.22 -29.55
CA GLN A 89 -16.52 18.30 -30.77
C GLN A 89 -16.89 19.53 -31.58
N GLY A 90 -15.95 19.97 -32.41
CA GLY A 90 -16.08 21.28 -33.05
C GLY A 90 -14.90 22.12 -32.63
N TYR A 91 -14.64 23.23 -33.31
CA TYR A 91 -13.34 23.87 -33.11
C TYR A 91 -13.33 24.68 -31.80
N GLU A 92 -14.16 25.71 -31.69
CA GLU A 92 -14.18 26.50 -30.44
C GLU A 92 -14.60 25.66 -29.23
N SER A 93 -15.51 24.74 -29.43
CA SER A 93 -15.94 23.90 -28.30
C SER A 93 -14.84 22.98 -27.83
N THR A 94 -13.96 22.56 -28.74
CA THR A 94 -12.82 21.71 -28.32
C THR A 94 -11.84 22.55 -27.52
N LEU A 95 -11.56 23.77 -27.94
CA LEU A 95 -10.63 24.61 -27.17
C LEU A 95 -11.19 24.82 -25.77
N ALA A 96 -12.50 25.01 -25.66
CA ALA A 96 -13.13 25.21 -24.35
C ALA A 96 -13.06 23.98 -23.48
N ALA A 97 -13.27 22.82 -24.10
CA ALA A 97 -13.27 21.57 -23.34
C ALA A 97 -11.88 21.31 -22.82
N PHE A 98 -10.88 21.62 -23.63
CA PHE A 98 -9.51 21.40 -23.21
C PHE A 98 -9.20 22.26 -22.01
N GLU A 99 -9.65 23.52 -22.05
CA GLU A 99 -9.38 24.40 -20.91
C GLU A 99 -10.06 23.91 -19.63
N GLU A 100 -11.27 23.42 -19.76
CA GLU A 100 -11.98 22.88 -18.60
C GLU A 100 -11.25 21.67 -18.02
N SER A 101 -10.78 20.74 -18.88
CA SER A 101 -10.00 19.59 -18.41
C SER A 101 -8.73 20.05 -17.71
N ARG A 102 -8.04 21.04 -18.29
CA ARG A 102 -6.79 21.52 -17.73
C ARG A 102 -7.02 22.13 -16.34
N GLN A 103 -8.05 22.95 -16.20
CA GLN A 103 -8.32 23.57 -14.91
C GLN A 103 -8.74 22.52 -13.87
N LYS A 104 -9.49 21.50 -14.30
CA LYS A 104 -9.87 20.46 -13.33
C LYS A 104 -8.68 19.63 -12.86
N LEU A 105 -7.76 19.32 -13.77
CA LEU A 105 -6.55 18.57 -13.40
C LEU A 105 -5.58 19.39 -12.57
N GLY A 106 -5.70 20.72 -12.67
CA GLY A 106 -4.86 21.62 -11.88
C GLY A 106 -3.45 21.71 -12.44
N VAL A 107 -3.34 21.65 -13.77
CA VAL A 107 -2.04 21.60 -14.41
C VAL A 107 -1.91 22.74 -15.39
N ASP A 108 -0.67 23.09 -15.76
CA ASP A 108 -0.41 24.13 -16.75
C ASP A 108 -0.42 23.60 -18.20
N TYR A 109 -0.14 22.32 -18.35
CA TYR A 109 -0.12 21.65 -19.65
C TYR A 109 -0.61 20.24 -19.45
N ILE A 110 -1.11 19.64 -20.51
CA ILE A 110 -1.52 18.25 -20.52
C ILE A 110 -0.55 17.49 -21.42
N ASP A 111 -0.21 16.23 -21.10
CA ASP A 111 0.79 15.59 -21.93
C ASP A 111 0.19 15.06 -23.22
N LEU A 112 -0.98 14.42 -23.12
CA LEU A 112 -1.62 13.87 -24.33
C LEU A 112 -3.12 14.13 -24.28
N TYR A 113 -3.67 14.67 -25.37
CA TYR A 113 -5.10 14.92 -25.47
C TYR A 113 -5.63 14.11 -26.63
N LEU A 114 -6.72 13.38 -26.41
CA LEU A 114 -7.29 12.50 -27.43
C LEU A 114 -8.73 12.87 -27.75
N ILE A 115 -9.13 12.74 -29.01
CA ILE A 115 -10.56 12.72 -29.37
C ILE A 115 -11.12 11.39 -28.87
N HIS A 116 -12.09 11.39 -27.94
CA HIS A 116 -12.49 10.12 -27.30
C HIS A 116 -13.12 9.12 -28.25
N TRP A 117 -13.99 9.58 -29.16
CA TRP A 117 -14.63 8.73 -30.18
C TRP A 117 -14.81 9.54 -31.44
N PRO A 118 -14.86 8.88 -32.60
CA PRO A 118 -15.22 9.61 -33.81
C PRO A 118 -16.72 10.02 -33.85
N ARG A 119 -17.53 9.31 -33.08
CA ARG A 119 -19.01 9.28 -33.10
C ARG A 119 -19.52 8.35 -34.17
N GLY A 120 -20.63 7.69 -33.90
CA GLY A 120 -21.14 6.68 -34.82
C GLY A 120 -21.63 7.17 -36.16
N LYS A 121 -21.84 6.22 -37.07
CA LYS A 121 -22.11 6.62 -38.48
C LYS A 121 -23.36 7.42 -38.70
N ASP A 122 -24.40 7.18 -37.90
CA ASP A 122 -25.62 7.95 -38.10
C ASP A 122 -25.44 9.39 -37.63
N ILE A 123 -24.68 9.59 -36.53
CA ILE A 123 -24.37 10.95 -36.13
C ILE A 123 -23.47 11.66 -37.17
N LEU A 124 -22.47 10.94 -37.68
CA LEU A 124 -21.62 11.53 -38.72
C LEU A 124 -22.43 11.92 -39.94
N SER A 125 -23.39 11.10 -40.29
CA SER A 125 -24.17 11.39 -41.49
CA SER A 125 -24.16 11.38 -41.49
C SER A 125 -25.04 12.62 -41.29
N LYS A 126 -25.55 12.82 -40.08
CA LYS A 126 -26.44 13.94 -39.80
C LYS A 126 -25.73 15.24 -39.40
N GLU A 127 -24.63 15.11 -38.66
CA GLU A 127 -23.95 16.27 -38.11
C GLU A 127 -22.63 16.57 -38.77
N GLY A 128 -22.16 15.65 -39.60
CA GLY A 128 -20.85 15.83 -40.25
C GLY A 128 -19.71 15.25 -39.42
N LYS A 129 -18.54 15.17 -40.03
CA LYS A 129 -17.37 14.64 -39.33
C LYS A 129 -16.73 15.74 -38.48
N LYS A 130 -17.32 16.01 -37.32
CA LYS A 130 -16.86 17.11 -36.48
C LYS A 130 -15.50 16.76 -35.86
N TYR A 131 -15.11 15.48 -35.90
CA TYR A 131 -13.77 15.12 -35.42
C TYR A 131 -12.67 15.80 -36.23
N LEU A 132 -12.94 16.15 -37.49
CA LEU A 132 -11.92 16.87 -38.27
C LEU A 132 -11.70 18.28 -37.76
N ASP A 133 -12.76 19.00 -37.44
CA ASP A 133 -12.52 20.33 -36.90
C ASP A 133 -11.98 20.25 -35.47
N SER A 134 -12.32 19.20 -34.73
CA SER A 134 -11.72 19.02 -33.42
C SER A 134 -10.22 18.82 -33.63
N TRP A 135 -9.85 18.05 -34.65
CA TRP A 135 -8.41 17.80 -34.91
C TRP A 135 -7.68 19.11 -35.23
N ARG A 136 -8.31 19.99 -36.02
CA ARG A 136 -7.71 21.31 -36.23
C ARG A 136 -7.54 22.09 -34.92
N ALA A 137 -8.49 21.97 -34.00
CA ALA A 137 -8.32 22.64 -32.70
C ALA A 137 -7.16 22.00 -31.91
N PHE A 138 -7.01 20.68 -32.01
CA PHE A 138 -5.89 20.00 -31.36
C PHE A 138 -4.57 20.51 -31.93
N GLU A 139 -4.51 20.68 -33.25
CA GLU A 139 -3.30 21.20 -33.88
C GLU A 139 -2.93 22.60 -33.36
N GLN A 140 -3.92 23.45 -33.14
CA GLN A 140 -3.71 24.75 -32.55
C GLN A 140 -3.23 24.67 -31.09
N LEU A 141 -3.85 23.81 -30.28
CA LEU A 141 -3.38 23.62 -28.90
C LEU A 141 -1.94 23.13 -28.86
N TYR A 142 -1.58 22.25 -29.81
CA TYR A 142 -0.19 21.75 -29.89
C TYR A 142 0.77 22.85 -30.33
N LYS A 143 0.37 23.65 -31.33
CA LYS A 143 1.23 24.74 -31.76
C LYS A 143 1.50 25.72 -30.63
N GLU A 144 0.50 25.89 -29.77
CA GLU A 144 0.55 26.85 -28.67
C GLU A 144 1.25 26.30 -27.44
N LYS A 145 1.71 25.05 -27.53
CA LYS A 145 2.47 24.43 -26.46
C LYS A 145 1.64 24.13 -25.23
N LYS A 146 0.33 24.02 -25.43
CA LYS A 146 -0.57 23.74 -24.32
C LYS A 146 -0.69 22.27 -24.04
N VAL A 147 -0.30 21.46 -25.04
CA VAL A 147 -0.37 19.99 -24.93
C VAL A 147 0.86 19.42 -25.62
N ARG A 148 1.43 18.35 -25.06
CA ARG A 148 2.73 17.86 -25.55
C ARG A 148 2.57 16.90 -26.72
N ALA A 149 1.40 16.31 -26.86
CA ALA A 149 1.15 15.29 -27.88
C ALA A 149 -0.34 15.23 -28.11
N ILE A 150 -0.75 14.86 -29.33
CA ILE A 150 -2.19 14.78 -29.66
C ILE A 150 -2.49 13.51 -30.36
N GLY A 151 -3.69 12.95 -30.13
CA GLY A 151 -4.06 11.69 -30.76
C GLY A 151 -5.55 11.47 -30.70
N VAL A 152 -5.93 10.23 -30.99
CA VAL A 152 -7.35 9.89 -31.09
C VAL A 152 -7.62 8.58 -30.38
N SER A 153 -8.91 8.24 -30.27
CA SER A 153 -9.35 7.04 -29.52
C SER A 153 -10.52 6.47 -30.28
N ASN A 154 -10.56 5.13 -30.39
CA ASN A 154 -11.65 4.44 -31.05
C ASN A 154 -11.79 4.81 -32.52
N PHE A 155 -10.67 5.15 -33.16
CA PHE A 155 -10.75 5.39 -34.63
C PHE A 155 -10.41 4.13 -35.41
N HIS A 156 -11.27 3.77 -36.35
CA HIS A 156 -10.96 2.70 -37.31
C HIS A 156 -10.02 3.25 -38.41
N ILE A 157 -9.50 2.34 -39.24
CA ILE A 157 -8.66 2.80 -40.36
C ILE A 157 -9.34 3.88 -41.19
N HIS A 158 -10.63 3.73 -41.51
CA HIS A 158 -11.24 4.75 -42.36
C HIS A 158 -11.30 6.14 -41.70
N HIS A 159 -11.55 6.19 -40.39
CA HIS A 159 -11.56 7.48 -39.69
C HIS A 159 -10.17 8.10 -39.71
N LEU A 160 -9.14 7.26 -39.54
CA LEU A 160 -7.76 7.76 -39.60
C LEU A 160 -7.43 8.29 -40.96
N GLU A 161 -7.89 7.59 -42.00
CA GLU A 161 -7.62 8.07 -43.36
C GLU A 161 -8.23 9.44 -43.55
N ASP A 162 -9.40 9.70 -42.96
CA ASP A 162 -10.02 11.02 -43.07
C ASP A 162 -9.13 12.08 -42.44
N VAL A 163 -8.59 11.79 -41.25
CA VAL A 163 -7.70 12.76 -40.57
C VAL A 163 -6.40 12.92 -41.38
N LEU A 164 -5.81 11.80 -41.82
CA LEU A 164 -4.53 11.89 -42.54
C LEU A 164 -4.61 12.70 -43.83
N ALA A 165 -5.79 12.74 -44.47
CA ALA A 165 -5.98 13.56 -45.64
C ALA A 165 -6.01 15.06 -45.41
N MET A 166 -6.24 15.50 -44.17
CA MET A 166 -6.32 16.93 -43.85
C MET A 166 -5.31 17.43 -42.82
N CYS A 167 -4.57 16.54 -42.16
CA CYS A 167 -3.78 16.98 -41.01
C CYS A 167 -2.49 17.70 -41.40
N THR A 168 -2.10 18.63 -40.54
CA THR A 168 -0.74 19.17 -40.51
C THR A 168 0.11 18.45 -39.47
N VAL A 169 -0.53 17.81 -38.49
CA VAL A 169 0.18 17.01 -37.49
C VAL A 169 -0.50 15.64 -37.45
N THR A 170 0.25 14.57 -37.70
CA THR A 170 -0.34 13.24 -37.65
C THR A 170 -0.70 12.84 -36.24
N PRO A 171 -1.87 12.21 -36.03
CA PRO A 171 -2.20 11.67 -34.71
C PRO A 171 -1.08 10.78 -34.22
N MET A 172 -0.81 10.89 -32.93
CA MET A 172 0.39 10.20 -32.38
C MET A 172 0.07 8.91 -31.67
N VAL A 173 -1.18 8.78 -31.24
CA VAL A 173 -1.67 7.64 -30.51
C VAL A 173 -3.08 7.38 -31.00
N ASN A 174 -3.49 6.11 -31.04
CA ASN A 174 -4.89 5.72 -31.25
C ASN A 174 -5.17 4.70 -30.15
N GLN A 175 -6.05 5.04 -29.21
CA GLN A 175 -6.34 4.21 -28.05
C GLN A 175 -7.64 3.44 -28.38
N VAL A 176 -7.59 2.11 -28.46
CA VAL A 176 -8.76 1.33 -28.93
C VAL A 176 -8.94 0.10 -28.05
N GLU A 177 -10.12 -0.53 -28.12
CA GLU A 177 -10.35 -1.78 -27.36
C GLU A 177 -9.46 -2.85 -27.96
N LEU A 178 -8.60 -3.44 -27.13
CA LEU A 178 -7.60 -4.37 -27.64
C LEU A 178 -7.25 -5.32 -26.53
N HIS A 179 -7.49 -6.59 -26.80
CA HIS A 179 -7.19 -7.70 -25.86
C HIS A 179 -7.15 -9.00 -26.65
N PRO A 180 -6.82 -10.12 -25.99
CA PRO A 180 -6.65 -11.34 -26.79
C PRO A 180 -7.89 -11.78 -27.59
N LEU A 181 -9.10 -11.32 -27.26
CA LEU A 181 -10.25 -11.74 -28.09
C LEU A 181 -10.49 -10.79 -29.24
N ASN A 182 -9.84 -9.63 -29.19
CA ASN A 182 -9.99 -8.61 -30.23
C ASN A 182 -8.67 -7.91 -30.41
N ASN A 183 -7.78 -8.57 -31.16
CA ASN A 183 -6.37 -8.09 -31.10
C ASN A 183 -5.95 -6.99 -32.07
N GLN A 184 -6.89 -6.54 -32.91
CA GLN A 184 -6.69 -5.35 -33.74
C GLN A 184 -5.48 -5.46 -34.65
N ALA A 185 -5.23 -6.65 -35.20
CA ALA A 185 -4.04 -6.82 -36.05
C ALA A 185 -4.06 -5.89 -37.27
N ASP A 186 -5.19 -5.78 -37.93
CA ASP A 186 -5.22 -4.95 -39.15
C ASP A 186 -4.99 -3.47 -38.84
N LEU A 187 -5.63 -3.00 -37.77
CA LEU A 187 -5.43 -1.61 -37.34
C LEU A 187 -3.99 -1.38 -36.92
N ARG A 188 -3.38 -2.34 -36.24
CA ARG A 188 -2.00 -2.18 -35.80
C ARG A 188 -1.07 -2.09 -37.02
N ALA A 189 -1.33 -2.87 -38.06
CA ALA A 189 -0.46 -2.80 -39.27
C ALA A 189 -0.55 -1.42 -39.92
N PHE A 190 -1.76 -0.87 -40.02
CA PHE A 190 -1.92 0.47 -40.62
C PHE A 190 -1.26 1.52 -39.74
N CYS A 191 -1.50 1.43 -38.42
CA CYS A 191 -0.96 2.45 -37.52
C CYS A 191 0.56 2.40 -37.51
N ASP A 192 1.13 1.21 -37.64
CA ASP A 192 2.61 1.08 -37.72
C ASP A 192 3.08 1.81 -38.97
N ALA A 193 2.36 1.66 -40.11
CA ALA A 193 2.78 2.32 -41.36
C ALA A 193 2.79 3.82 -41.19
N LYS A 194 1.86 4.34 -40.39
CA LYS A 194 1.68 5.80 -40.26
C LYS A 194 2.29 6.42 -38.97
N GLN A 195 3.11 5.62 -38.26
CA GLN A 195 3.76 6.01 -36.99
C GLN A 195 2.73 6.49 -35.98
N ILE A 196 1.61 5.79 -35.89
CA ILE A 196 0.59 6.10 -34.88
C ILE A 196 0.72 4.99 -33.85
N LYS A 197 0.99 5.33 -32.61
CA LYS A 197 1.19 4.28 -31.58
C LYS A 197 -0.16 3.78 -31.10
N VAL A 198 -0.33 2.47 -30.95
CA VAL A 198 -1.59 1.90 -30.52
C VAL A 198 -1.60 1.66 -29.04
N GLU A 199 -2.68 2.07 -28.38
CA GLU A 199 -2.81 1.96 -26.95
C GLU A 199 -4.05 1.15 -26.68
N ALA A 200 -3.93 0.17 -25.80
CA ALA A 200 -5.03 -0.76 -25.50
C ALA A 200 -5.87 -0.31 -24.34
N TRP A 201 -7.19 -0.13 -24.59
CA TRP A 201 -8.12 -0.02 -23.52
C TRP A 201 -8.85 -1.31 -23.31
N SER A 202 -9.31 -1.47 -22.08
CA SER A 202 -9.80 -2.70 -21.63
C SER A 202 -8.81 -3.81 -21.91
N PRO A 203 -7.51 -3.62 -21.53
CA PRO A 203 -6.59 -4.68 -21.98
C PRO A 203 -6.88 -6.00 -21.30
N LEU A 204 -7.56 -6.01 -20.16
CA LEU A 204 -7.85 -7.27 -19.50
C LEU A 204 -9.25 -7.76 -19.83
N GLY A 205 -9.86 -7.18 -20.86
CA GLY A 205 -11.23 -7.56 -21.19
C GLY A 205 -12.22 -7.29 -20.05
N LYS A 208 -15.10 -13.11 -18.42
CA LYS A 208 -14.50 -14.37 -17.99
C LYS A 208 -13.13 -14.59 -18.63
N LEU A 209 -12.64 -13.58 -19.34
CA LEU A 209 -11.35 -13.69 -20.05
C LEU A 209 -10.20 -14.03 -19.10
N LEU A 210 -10.21 -13.48 -17.89
CA LEU A 210 -9.11 -13.76 -16.98
C LEU A 210 -9.20 -15.19 -16.39
N SER A 211 -10.27 -15.93 -16.70
CA SER A 211 -10.34 -17.36 -16.34
C SER A 211 -9.92 -18.27 -17.48
N ASN A 212 -9.55 -17.69 -18.61
CA ASN A 212 -9.17 -18.48 -19.78
C ASN A 212 -8.07 -19.49 -19.44
N PRO A 213 -8.30 -20.77 -19.77
CA PRO A 213 -7.38 -21.85 -19.41
C PRO A 213 -6.01 -21.73 -20.06
N ILE A 214 -5.94 -21.28 -21.30
CA ILE A 214 -4.67 -21.06 -21.97
C ILE A 214 -3.91 -19.97 -21.22
N LEU A 215 -4.59 -18.88 -20.90
CA LEU A 215 -3.90 -17.77 -20.23
C LEU A 215 -3.42 -18.15 -18.84
N SER A 216 -4.22 -18.88 -18.08
CA SER A 216 -3.77 -19.17 -16.71
C SER A 216 -2.69 -20.23 -16.67
N ALA A 217 -2.67 -21.11 -17.66
CA ALA A 217 -1.61 -22.10 -17.78
C ALA A 217 -0.28 -21.46 -18.15
N ILE A 218 -0.31 -20.46 -19.04
CA ILE A 218 0.90 -19.72 -19.34
C ILE A 218 1.39 -19.02 -18.07
N GLY A 219 0.47 -18.38 -17.35
CA GLY A 219 0.84 -17.69 -16.11
C GLY A 219 1.49 -18.63 -15.11
N ALA A 220 0.98 -19.85 -15.05
CA ALA A 220 1.52 -20.80 -14.08
C ALA A 220 3.01 -21.10 -14.32
N LYS A 221 3.49 -20.99 -15.56
CA LYS A 221 4.90 -21.29 -15.84
C LYS A 221 5.88 -20.26 -15.29
N TYR A 222 5.41 -19.04 -15.13
CA TYR A 222 6.22 -17.91 -14.70
C TYR A 222 5.80 -17.40 -13.31
N ASN A 223 4.88 -18.14 -12.68
CA ASN A 223 4.27 -17.69 -11.42
CA ASN A 223 4.27 -17.70 -11.42
C ASN A 223 3.61 -16.32 -11.59
N LYS A 224 2.88 -16.15 -12.69
CA LYS A 224 2.16 -14.94 -12.95
C LYS A 224 0.68 -15.25 -13.12
N THR A 225 -0.16 -14.24 -12.97
CA THR A 225 -1.60 -14.42 -13.14
C THR A 225 -1.96 -14.25 -14.61
N ALA A 226 -3.16 -14.63 -15.01
CA ALA A 226 -3.65 -14.41 -16.37
C ALA A 226 -3.60 -12.94 -16.76
N ALA A 227 -3.94 -12.05 -15.84
CA ALA A 227 -3.89 -10.64 -16.13
C ALA A 227 -2.48 -10.19 -16.42
N GLN A 228 -1.52 -10.68 -15.62
CA GLN A 228 -0.11 -10.32 -15.85
C GLN A 228 0.37 -10.83 -17.21
N VAL A 229 -0.06 -12.03 -17.60
CA VAL A 229 0.26 -12.57 -18.92
C VAL A 229 -0.29 -11.68 -20.03
N ILE A 230 -1.54 -11.24 -19.92
CA ILE A 230 -2.13 -10.36 -20.95
C ILE A 230 -1.34 -9.06 -21.06
N LEU A 231 -1.00 -8.46 -19.92
CA LEU A 231 -0.26 -7.20 -19.95
C LEU A 231 1.16 -7.39 -20.50
N ARG A 232 1.82 -8.49 -20.14
CA ARG A 232 3.13 -8.73 -20.72
C ARG A 232 3.04 -8.91 -22.24
N TRP A 233 1.96 -9.54 -22.71
CA TRP A 233 1.74 -9.70 -24.16
C TRP A 233 1.54 -8.33 -24.78
N ASN A 234 0.84 -7.40 -24.10
CA ASN A 234 0.74 -6.02 -24.60
C ASN A 234 2.13 -5.42 -24.80
N ILE A 235 2.96 -5.52 -23.75
CA ILE A 235 4.30 -4.93 -23.78
C ILE A 235 5.12 -5.50 -24.91
N GLN A 236 5.10 -6.83 -25.10
CA GLN A 236 5.88 -7.46 -26.16
C GLN A 236 5.39 -7.15 -27.59
N LYS A 237 4.12 -6.73 -27.72
CA LYS A 237 3.59 -6.29 -29.02
C LYS A 237 3.82 -4.79 -29.21
N ASN A 238 4.64 -4.20 -28.34
CA ASN A 238 4.98 -2.77 -28.39
C ASN A 238 3.78 -1.84 -28.24
N LEU A 239 2.78 -2.32 -27.51
CA LEU A 239 1.56 -1.54 -27.30
C LEU A 239 1.68 -0.76 -26.00
N ILE A 240 1.03 0.41 -25.93
CA ILE A 240 0.83 1.12 -24.69
C ILE A 240 -0.36 0.49 -23.97
N THR A 241 -0.25 0.30 -22.66
CA THR A 241 -1.33 -0.38 -21.95
C THR A 241 -1.70 0.34 -20.67
N ILE A 242 -3.00 0.43 -20.38
CA ILE A 242 -3.49 1.24 -19.27
C ILE A 242 -4.56 0.47 -18.49
N PRO A 243 -4.14 -0.61 -17.85
CA PRO A 243 -5.13 -1.34 -17.06
C PRO A 243 -5.73 -0.49 -15.95
N LYS A 244 -7.04 -0.69 -15.75
CA LYS A 244 -7.78 0.02 -14.70
C LYS A 244 -7.98 -0.85 -13.48
N SER A 245 -7.70 -0.29 -12.30
CA SER A 245 -8.11 -0.91 -11.05
C SER A 245 -8.23 0.20 -10.02
N VAL A 246 -9.09 -0.02 -9.03
CA VAL A 246 -9.15 0.90 -7.88
C VAL A 246 -8.58 0.29 -6.64
N HIS A 247 -8.14 -0.95 -6.74
CA HIS A 247 -7.65 -1.67 -5.58
C HIS A 247 -6.14 -1.68 -5.54
N ARG A 248 -5.57 -1.30 -4.41
CA ARG A 248 -4.12 -1.18 -4.31
C ARG A 248 -3.37 -2.47 -4.70
N GLU A 249 -3.80 -3.62 -4.18
CA GLU A 249 -3.08 -4.85 -4.50
C GLU A 249 -3.12 -5.18 -5.99
N ARG A 250 -4.21 -4.86 -6.68
CA ARG A 250 -4.32 -5.16 -8.09
C ARG A 250 -3.46 -4.18 -8.92
N ILE A 251 -3.48 -2.91 -8.51
CA ILE A 251 -2.67 -1.87 -9.15
C ILE A 251 -1.20 -2.25 -9.11
N GLU A 252 -0.74 -2.74 -7.97
CA GLU A 252 0.63 -3.21 -7.82
C GLU A 252 0.89 -4.50 -8.60
N GLU A 253 -0.05 -5.44 -8.56
CA GLU A 253 0.13 -6.71 -9.28
C GLU A 253 0.21 -6.49 -10.78
N ASN A 254 -0.66 -5.65 -11.31
CA ASN A 254 -0.68 -5.42 -12.73
C ASN A 254 0.64 -4.87 -13.23
N ALA A 255 1.31 -4.07 -12.40
CA ALA A 255 2.57 -3.49 -12.87
C ALA A 255 3.79 -4.42 -12.72
N ASP A 256 3.63 -5.57 -12.05
CA ASP A 256 4.75 -6.45 -11.78
C ASP A 256 4.92 -7.44 -12.94
N ILE A 257 5.23 -6.88 -14.11
CA ILE A 257 5.38 -7.67 -15.33
C ILE A 257 6.72 -7.46 -16.04
N PHE A 258 7.70 -6.92 -15.33
CA PHE A 258 8.95 -6.60 -15.98
C PHE A 258 10.07 -7.50 -15.53
N ASP A 259 9.71 -8.61 -14.90
CA ASP A 259 10.70 -9.58 -14.42
C ASP A 259 10.49 -10.92 -15.09
N PHE A 260 9.76 -10.95 -16.19
CA PHE A 260 9.55 -12.21 -16.93
C PHE A 260 9.28 -11.89 -18.38
N GLU A 261 9.33 -12.91 -19.22
CA GLU A 261 9.18 -12.68 -20.65
C GLU A 261 8.42 -13.86 -21.22
N LEU A 262 7.46 -13.59 -22.13
CA LEU A 262 6.74 -14.65 -22.82
C LEU A 262 7.56 -15.11 -24.00
N GLY A 263 7.66 -16.42 -24.19
CA GLY A 263 8.38 -16.94 -25.34
C GLY A 263 7.54 -16.97 -26.58
N ALA A 264 8.13 -17.39 -27.70
CA ALA A 264 7.42 -17.42 -28.98
C ALA A 264 6.14 -18.26 -28.97
N GLU A 265 6.20 -19.47 -28.44
CA GLU A 265 5.01 -20.33 -28.40
C GLU A 265 3.92 -19.74 -27.52
N ASP A 266 4.29 -19.15 -26.38
CA ASP A 266 3.30 -18.48 -25.52
C ASP A 266 2.60 -17.40 -26.29
N VAL A 267 3.36 -16.53 -26.96
CA VAL A 267 2.78 -15.39 -27.69
C VAL A 267 1.86 -15.90 -28.82
N MET A 268 2.31 -16.95 -29.50
CA MET A 268 1.50 -17.56 -30.56
CA MET A 268 1.50 -17.56 -30.56
C MET A 268 0.18 -18.07 -30.01
N SER A 269 0.21 -18.72 -28.85
CA SER A 269 -1.03 -19.25 -28.25
CA SER A 269 -1.05 -19.24 -28.29
C SER A 269 -1.99 -18.13 -27.86
N ILE A 270 -1.46 -17.00 -27.43
CA ILE A 270 -2.32 -15.88 -27.07
C ILE A 270 -2.90 -15.25 -28.34
N ASP A 271 -2.07 -15.03 -29.36
CA ASP A 271 -2.59 -14.54 -30.64
C ASP A 271 -3.68 -15.45 -31.23
N ALA A 272 -3.61 -16.74 -30.93
CA ALA A 272 -4.61 -17.71 -31.44
C ALA A 272 -6.01 -17.52 -30.82
N LEU A 273 -6.08 -16.76 -29.72
CA LEU A 273 -7.36 -16.61 -29.03
C LEU A 273 -8.28 -15.62 -29.74
N ASN A 274 -7.74 -14.86 -30.68
CA ASN A 274 -8.53 -13.79 -31.31
C ASN A 274 -9.81 -14.27 -31.98
N THR A 275 -10.90 -13.58 -31.70
CA THR A 275 -12.18 -13.86 -32.38
C THR A 275 -12.83 -12.59 -32.91
N ASN A 276 -12.10 -11.48 -32.88
CA ASN A 276 -12.71 -10.16 -33.19
C ASN A 276 -13.99 -9.88 -32.42
N SER A 277 -13.97 -10.20 -31.12
CA SER A 277 -15.14 -10.02 -30.27
CA SER A 277 -15.14 -10.03 -30.27
C SER A 277 -14.95 -8.81 -29.37
N ARG A 278 -15.83 -7.82 -29.50
CA ARG A 278 -15.74 -6.61 -28.65
C ARG A 278 -16.62 -6.66 -27.42
N TYR A 279 -16.12 -6.15 -26.32
CA TYR A 279 -16.96 -5.95 -25.16
C TYR A 279 -17.59 -4.55 -25.24
N GLY A 280 -16.89 -3.64 -25.92
CA GLY A 280 -17.32 -2.25 -25.97
C GLY A 280 -18.01 -1.96 -27.30
N PRO A 281 -18.51 -0.72 -27.46
CA PRO A 281 -19.23 -0.33 -28.68
C PRO A 281 -18.30 -0.37 -29.88
N ASP A 282 -18.81 -0.74 -31.07
CA ASP A 282 -18.07 -0.59 -32.29
C ASP A 282 -18.20 0.88 -32.66
N PRO A 283 -17.09 1.59 -32.80
CA PRO A 283 -17.10 3.01 -33.13
C PRO A 283 -17.91 3.33 -34.39
N ASP A 284 -18.07 2.41 -35.33
CA ASP A 284 -18.93 2.71 -36.48
C ASP A 284 -20.43 2.71 -36.13
N GLU A 285 -20.83 1.88 -35.16
CA GLU A 285 -22.25 1.61 -34.91
C GLU A 285 -22.80 2.36 -33.73
N ALA A 286 -21.89 2.95 -32.94
CA ALA A 286 -22.31 3.64 -31.71
C ALA A 286 -23.41 4.67 -31.94
N GLN A 287 -24.40 4.73 -31.05
CA GLN A 287 -25.45 5.76 -31.12
C GLN A 287 -25.12 6.83 -30.11
N PHE A 288 -23.84 7.25 -30.12
CA PHE A 288 -23.40 8.41 -29.33
C PHE A 288 -22.11 8.91 -29.95
N GLY B 7 13.70 7.36 11.22
CA GLY B 7 12.67 6.73 10.41
C GLY B 7 12.26 5.41 11.05
N VAL B 8 11.23 4.76 10.51
CA VAL B 8 10.66 3.63 11.23
C VAL B 8 11.62 2.43 11.35
N ASP B 9 12.44 2.23 10.32
CA ASP B 9 13.41 1.14 10.33
C ASP B 9 14.66 1.48 11.14
N LYS B 10 14.80 2.75 11.53
CA LYS B 10 16.02 3.22 12.18
C LYS B 10 15.99 3.61 13.66
N ALA B 11 14.84 4.05 14.15
CA ALA B 11 14.71 4.50 15.55
C ALA B 11 14.89 3.30 16.45
N MET B 12 15.88 3.36 17.35
CA MET B 12 16.20 2.20 18.17
C MET B 12 16.28 2.60 19.63
N VAL B 13 15.95 1.67 20.51
CA VAL B 13 16.22 1.84 21.93
C VAL B 13 17.27 0.79 22.29
N THR B 14 18.30 1.18 23.04
CA THR B 14 19.33 0.18 23.41
C THR B 14 18.99 -0.43 24.73
N LEU B 15 18.78 -1.75 24.74
CA LEU B 15 18.40 -2.44 25.98
C LEU B 15 19.62 -2.48 26.89
N SER B 16 19.41 -2.85 28.14
CA SER B 16 20.55 -2.87 29.10
C SER B 16 21.67 -3.82 28.74
N ASN B 17 21.39 -4.83 27.92
CA ASN B 17 22.44 -5.75 27.49
C ASN B 17 23.03 -5.38 26.13
N GLY B 18 22.74 -4.16 25.67
CA GLY B 18 23.34 -3.67 24.43
C GLY B 18 22.54 -4.01 23.18
N VAL B 19 21.51 -4.84 23.30
CA VAL B 19 20.73 -5.19 22.12
C VAL B 19 19.94 -3.98 21.65
N LYS B 20 19.93 -3.77 20.33
CA LYS B 20 19.17 -2.63 19.77
C LYS B 20 17.79 -3.08 19.39
N MET B 21 16.79 -2.54 20.07
CA MET B 21 15.39 -2.95 19.79
C MET B 21 14.71 -1.79 19.04
N PRO B 22 14.08 -2.10 17.89
CA PRO B 22 13.45 -0.98 17.18
C PRO B 22 12.35 -0.38 18.05
N GLN B 23 12.36 0.95 18.12
CA GLN B 23 11.45 1.65 19.02
C GLN B 23 9.99 1.52 18.56
N PHE B 24 9.76 1.25 17.27
CA PHE B 24 8.43 1.17 16.74
C PHE B 24 8.21 -0.23 16.16
N GLY B 25 7.08 -0.87 16.44
CA GLY B 25 6.84 -2.17 15.85
C GLY B 25 5.36 -2.41 15.59
N LEU B 26 5.05 -3.54 14.95
CA LEU B 26 3.65 -3.89 14.68
C LEU B 26 3.15 -4.85 15.76
N GLY B 27 2.07 -4.50 16.46
CA GLY B 27 1.41 -5.47 17.34
C GLY B 27 0.49 -6.35 16.52
N VAL B 28 0.48 -7.65 16.83
CA VAL B 28 -0.47 -8.55 16.20
C VAL B 28 -1.42 -9.16 17.21
N TRP B 29 -1.45 -8.58 18.40
CA TRP B 29 -2.50 -8.81 19.38
C TRP B 29 -3.89 -8.76 18.71
N GLN B 30 -4.68 -9.82 18.89
CA GLN B 30 -6.02 -9.90 18.33
C GLN B 30 -6.13 -9.91 16.80
N SER B 31 -5.01 -10.05 16.10
CA SER B 31 -5.09 -10.23 14.66
CA SER B 31 -5.05 -10.26 14.65
C SER B 31 -5.31 -11.74 14.38
N PRO B 32 -6.32 -12.07 13.57
CA PRO B 32 -6.65 -13.49 13.31
C PRO B 32 -5.51 -14.30 12.68
N ALA B 33 -5.33 -15.56 13.08
CA ALA B 33 -4.39 -16.45 12.40
C ALA B 33 -4.74 -16.58 10.92
N GLY B 34 -3.72 -16.76 10.08
CA GLY B 34 -3.92 -17.02 8.66
C GLY B 34 -3.64 -15.77 7.83
N GLU B 35 -4.37 -15.60 6.73
CA GLU B 35 -4.05 -14.52 5.80
C GLU B 35 -4.04 -13.14 6.42
N VAL B 36 -4.97 -12.87 7.34
CA VAL B 36 -5.04 -11.52 7.90
C VAL B 36 -3.75 -11.15 8.62
N THR B 37 -3.25 -12.06 9.46
CA THR B 37 -1.98 -11.81 10.14
C THR B 37 -0.80 -11.85 9.16
N GLU B 38 -0.81 -12.80 8.23
CA GLU B 38 0.29 -12.87 7.27
C GLU B 38 0.41 -11.54 6.51
N ASN B 39 -0.72 -11.02 6.03
CA ASN B 39 -0.70 -9.79 5.26
C ASN B 39 -0.29 -8.60 6.11
N ALA B 40 -0.82 -8.51 7.32
CA ALA B 40 -0.44 -7.39 8.17
C ALA B 40 1.08 -7.35 8.41
N VAL B 41 1.67 -8.49 8.73
CA VAL B 41 3.11 -8.59 8.93
C VAL B 41 3.89 -8.26 7.66
N LYS B 42 3.45 -8.80 6.51
CA LYS B 42 4.12 -8.52 5.23
C LYS B 42 4.06 -7.03 4.92
N TRP B 43 2.88 -6.43 5.06
CA TRP B 43 2.73 -5.02 4.73
C TRP B 43 3.55 -4.13 5.66
N ALA B 44 3.59 -4.47 6.94
CA ALA B 44 4.40 -3.70 7.89
C ALA B 44 5.88 -3.79 7.50
N LEU B 45 6.36 -5.00 7.23
CA LEU B 45 7.79 -5.13 6.88
C LEU B 45 8.11 -4.39 5.59
N CYS B 46 7.18 -4.46 4.64
CA CYS B 46 7.43 -3.84 3.35
C CYS B 46 7.41 -2.31 3.49
N ALA B 47 6.71 -1.82 4.51
CA ALA B 47 6.68 -0.38 4.81
C ALA B 47 7.86 0.10 5.63
N GLY B 48 8.72 -0.83 6.06
CA GLY B 48 9.90 -0.46 6.81
C GLY B 48 9.87 -0.80 8.28
N TYR B 49 8.77 -1.33 8.79
CA TYR B 49 8.82 -1.82 10.15
C TYR B 49 9.86 -2.92 10.22
N ARG B 50 10.54 -3.00 11.36
CA ARG B 50 11.58 -4.03 11.57
C ARG B 50 11.38 -4.72 12.92
N HIS B 51 10.13 -4.71 13.42
CA HIS B 51 9.82 -5.24 14.74
C HIS B 51 8.38 -5.72 14.72
N ILE B 52 8.16 -7.00 15.07
CA ILE B 52 6.82 -7.56 15.18
C ILE B 52 6.67 -8.10 16.58
N ASP B 53 5.54 -7.78 17.21
CA ASP B 53 5.24 -8.27 18.56
C ASP B 53 4.05 -9.24 18.52
N THR B 54 4.27 -10.49 18.93
CA THR B 54 3.23 -11.51 19.00
C THR B 54 3.22 -12.17 20.38
N ALA B 55 2.47 -13.26 20.52
CA ALA B 55 2.40 -13.98 21.81
C ALA B 55 1.84 -15.33 21.51
N ALA B 56 2.21 -16.32 22.29
CA ALA B 56 1.60 -17.63 22.14
C ALA B 56 0.07 -17.63 22.19
N ILE B 57 -0.47 -16.85 23.11
CA ILE B 57 -1.92 -16.86 23.31
C ILE B 57 -2.67 -16.21 22.13
N TYR B 58 -1.98 -15.47 21.27
CA TYR B 58 -2.64 -14.87 20.09
C TYR B 58 -2.85 -15.94 19.03
N LYS B 59 -2.17 -17.10 19.19
CA LYS B 59 -2.33 -18.21 18.25
C LYS B 59 -2.05 -17.87 16.80
N ASN B 60 -1.18 -16.90 16.57
CA ASN B 60 -0.88 -16.50 15.19
C ASN B 60 0.63 -16.45 14.93
N GLU B 61 1.43 -17.10 15.79
CA GLU B 61 2.87 -17.12 15.55
C GLU B 61 3.27 -17.77 14.22
N GLU B 62 2.57 -18.82 13.77
CA GLU B 62 2.89 -19.44 12.47
C GLU B 62 2.65 -18.42 11.33
N SER B 63 1.59 -17.63 11.46
CA SER B 63 1.30 -16.58 10.48
C SER B 63 2.32 -15.44 10.48
N VAL B 64 2.82 -15.05 11.65
CA VAL B 64 3.89 -14.08 11.72
C VAL B 64 5.11 -14.61 11.00
N GLY B 65 5.48 -15.87 11.25
CA GLY B 65 6.64 -16.36 10.49
C GLY B 65 6.40 -16.39 8.98
N ALA B 66 5.19 -16.76 8.57
CA ALA B 66 4.88 -16.85 7.15
C ALA B 66 4.95 -15.48 6.50
N GLY B 67 4.46 -14.48 7.23
CA GLY B 67 4.45 -13.11 6.71
C GLY B 67 5.87 -12.58 6.61
N LEU B 68 6.71 -12.94 7.59
CA LEU B 68 8.13 -12.59 7.55
C LEU B 68 8.79 -13.19 6.32
N ARG B 69 8.57 -14.49 6.12
CA ARG B 69 9.14 -15.17 4.95
C ARG B 69 8.62 -14.54 3.66
N ALA B 70 7.35 -14.22 3.60
CA ALA B 70 6.77 -13.65 2.38
C ALA B 70 7.29 -12.26 2.05
N SER B 71 7.77 -11.53 3.06
CA SER B 71 8.22 -10.15 2.86
C SER B 71 9.55 -10.07 2.12
N GLY B 72 10.34 -11.14 2.19
CA GLY B 72 11.68 -11.12 1.62
C GLY B 72 12.72 -10.46 2.52
N VAL B 73 12.27 -9.84 3.60
CA VAL B 73 13.22 -9.15 4.48
C VAL B 73 14.05 -10.17 5.27
N PRO B 74 15.39 -10.00 5.30
CA PRO B 74 16.16 -11.05 5.97
C PRO B 74 15.78 -11.11 7.44
N ARG B 75 15.63 -12.32 7.96
CA ARG B 75 15.20 -12.49 9.35
C ARG B 75 16.12 -11.75 10.32
N GLU B 76 17.42 -11.76 10.07
CA GLU B 76 18.35 -11.08 10.96
C GLU B 76 18.20 -9.56 11.00
N ASP B 77 17.43 -8.98 10.06
CA ASP B 77 17.11 -7.55 10.11
C ASP B 77 15.81 -7.27 10.88
N VAL B 78 15.13 -8.30 11.35
CA VAL B 78 13.82 -8.11 12.01
C VAL B 78 13.89 -8.53 13.46
N PHE B 79 13.22 -7.77 14.32
CA PHE B 79 13.17 -8.06 15.76
C PHE B 79 11.84 -8.72 16.07
N ILE B 80 11.87 -9.95 16.57
CA ILE B 80 10.64 -10.68 16.86
CA ILE B 80 10.62 -10.67 16.86
C ILE B 80 10.48 -10.87 18.35
N THR B 81 9.37 -10.40 18.88
CA THR B 81 9.04 -10.59 20.29
C THR B 81 7.91 -11.59 20.40
N THR B 82 8.02 -12.52 21.32
CA THR B 82 6.81 -13.28 21.67
C THR B 82 6.78 -13.50 23.19
N LYS B 83 5.79 -14.21 23.69
CA LYS B 83 5.45 -14.20 25.13
C LYS B 83 4.97 -15.56 25.62
N LEU B 84 5.40 -15.87 26.84
CA LEU B 84 4.99 -17.06 27.59
C LEU B 84 3.61 -16.87 28.17
N TRP B 85 2.70 -17.80 27.88
CA TRP B 85 1.33 -17.64 28.36
C TRP B 85 1.18 -18.11 29.81
N ASN B 86 0.20 -17.55 30.52
CA ASN B 86 0.10 -17.69 31.98
C ASN B 86 0.01 -19.13 32.47
N THR B 87 -0.70 -19.96 31.72
CA THR B 87 -0.91 -21.35 32.12
C THR B 87 0.36 -22.19 31.99
N GLU B 88 1.38 -21.64 31.34
CA GLU B 88 2.61 -22.39 31.09
C GLU B 88 3.75 -21.99 32.01
N GLN B 89 3.45 -21.15 33.00
CA GLN B 89 4.51 -20.72 33.91
C GLN B 89 4.97 -21.90 34.74
N GLY B 90 6.16 -21.77 35.30
CA GLY B 90 6.83 -22.90 35.94
C GLY B 90 8.05 -23.25 35.09
N TYR B 91 9.08 -23.84 35.68
CA TYR B 91 10.37 -23.87 34.99
C TYR B 91 10.34 -24.79 33.76
N GLU B 92 9.93 -26.05 33.94
CA GLU B 92 9.99 -26.99 32.82
C GLU B 92 8.99 -26.58 31.73
N SER B 93 7.82 -26.11 32.13
CA SER B 93 6.79 -25.81 31.13
C SER B 93 7.16 -24.53 30.36
N THR B 94 7.97 -23.66 30.99
CA THR B 94 8.44 -22.45 30.33
C THR B 94 9.45 -22.82 29.25
N LEU B 95 10.39 -23.71 29.57
CA LEU B 95 11.29 -24.14 28.50
C LEU B 95 10.51 -24.74 27.33
N ALA B 96 9.48 -25.55 27.63
CA ALA B 96 8.69 -26.23 26.59
C ALA B 96 7.89 -25.22 25.76
N ALA B 97 7.39 -24.18 26.40
CA ALA B 97 6.54 -23.21 25.72
C ALA B 97 7.40 -22.38 24.80
N PHE B 98 8.63 -22.05 25.24
CA PHE B 98 9.56 -21.33 24.37
C PHE B 98 9.83 -22.14 23.10
N GLU B 99 10.13 -23.42 23.26
CA GLU B 99 10.42 -24.25 22.11
C GLU B 99 9.25 -24.31 21.13
N GLU B 100 8.03 -24.37 21.69
CA GLU B 100 6.80 -24.40 20.90
C GLU B 100 6.68 -23.09 20.10
N SER B 101 6.91 -21.95 20.76
CA SER B 101 6.85 -20.67 20.02
C SER B 101 7.90 -20.58 18.93
N ARG B 102 9.13 -21.02 19.24
CA ARG B 102 10.22 -20.96 18.28
C ARG B 102 9.88 -21.81 17.06
N GLN B 103 9.34 -23.00 17.30
CA GLN B 103 9.01 -23.88 16.20
C GLN B 103 7.89 -23.24 15.34
N LYS B 104 6.86 -22.68 15.99
CA LYS B 104 5.78 -22.08 15.24
C LYS B 104 6.25 -20.89 14.39
N LEU B 105 7.12 -20.06 14.95
CA LEU B 105 7.62 -18.91 14.21
C LEU B 105 8.57 -19.31 13.09
N GLY B 106 9.13 -20.53 13.19
CA GLY B 106 10.06 -21.01 12.18
C GLY B 106 11.42 -20.34 12.27
N VAL B 107 11.85 -20.01 13.48
CA VAL B 107 13.13 -19.32 13.66
C VAL B 107 14.10 -20.13 14.51
N ASP B 108 15.39 -19.83 14.40
CA ASP B 108 16.43 -20.48 15.23
C ASP B 108 16.60 -19.81 16.58
N TYR B 109 16.25 -18.53 16.67
CA TYR B 109 16.34 -17.74 17.91
C TYR B 109 15.19 -16.74 17.94
N ILE B 110 14.81 -16.27 19.11
CA ILE B 110 13.79 -15.23 19.27
C ILE B 110 14.50 -14.00 19.79
N ASP B 111 14.10 -12.80 19.36
CA ASP B 111 14.84 -11.63 19.84
C ASP B 111 14.49 -11.24 21.27
N LEU B 112 13.20 -11.23 21.62
CA LEU B 112 12.78 -10.90 22.98
C LEU B 112 11.71 -11.89 23.41
N TYR B 113 11.83 -12.43 24.62
CA TYR B 113 10.77 -13.29 25.18
C TYR B 113 10.31 -12.66 26.45
N LEU B 114 8.98 -12.54 26.61
CA LEU B 114 8.38 -11.88 27.78
C LEU B 114 7.48 -12.82 28.57
N ILE B 115 7.47 -12.68 29.90
CA ILE B 115 6.41 -13.30 30.70
C ILE B 115 5.16 -12.45 30.46
N HIS B 116 4.08 -13.06 29.93
CA HIS B 116 2.91 -12.23 29.47
C HIS B 116 2.18 -11.50 30.59
N TRP B 117 1.99 -12.14 31.74
CA TRP B 117 1.31 -11.54 32.93
C TRP B 117 1.95 -12.20 34.14
N PRO B 118 1.98 -11.46 35.27
CA PRO B 118 2.42 -12.15 36.48
C PRO B 118 1.39 -13.15 37.02
N ARG B 119 0.12 -12.97 36.60
CA ARG B 119 -1.12 -13.63 37.09
C ARG B 119 -1.65 -12.89 38.31
N GLY B 120 -2.97 -12.83 38.46
CA GLY B 120 -3.62 -12.03 39.51
C GLY B 120 -3.36 -12.55 40.92
N LYS B 121 -3.70 -11.73 41.89
CA LYS B 121 -3.25 -11.92 43.25
C LYS B 121 -3.85 -13.18 43.85
N ASP B 122 -5.05 -13.56 43.46
CA ASP B 122 -5.64 -14.78 44.01
C ASP B 122 -4.98 -16.04 43.48
N ILE B 123 -4.59 -16.05 42.21
CA ILE B 123 -3.81 -17.16 41.69
C ILE B 123 -2.42 -17.22 42.31
N LEU B 124 -1.77 -16.07 42.47
CA LEU B 124 -0.47 -16.06 43.14
C LEU B 124 -0.56 -16.60 44.54
N SER B 125 -1.63 -16.23 45.25
CA SER B 125 -1.80 -16.72 46.62
CA SER B 125 -1.79 -16.70 46.63
C SER B 125 -1.99 -18.21 46.67
N LYS B 126 -2.73 -18.76 45.72
CA LYS B 126 -3.04 -20.20 45.76
C LYS B 126 -1.96 -21.05 45.13
N GLU B 127 -1.32 -20.54 44.09
CA GLU B 127 -0.39 -21.33 43.28
C GLU B 127 1.06 -20.92 43.43
N GLY B 128 1.29 -19.79 44.11
CA GLY B 128 2.65 -19.28 44.30
C GLY B 128 3.09 -18.35 43.19
N LYS B 129 4.20 -17.64 43.40
CA LYS B 129 4.69 -16.72 42.37
C LYS B 129 5.50 -17.49 41.30
N LYS B 130 4.79 -18.21 40.45
CA LYS B 130 5.46 -19.00 39.43
C LYS B 130 6.22 -18.15 38.47
N TYR B 131 5.90 -16.85 38.37
CA TYR B 131 6.66 -16.00 37.46
C TYR B 131 8.15 -15.96 37.83
N LEU B 132 8.49 -16.20 39.09
CA LEU B 132 9.90 -16.18 39.51
C LEU B 132 10.60 -17.41 38.94
N ASP B 133 9.91 -18.54 38.98
CA ASP B 133 10.46 -19.80 38.44
C ASP B 133 10.59 -19.67 36.91
N SER B 134 9.58 -19.09 36.26
CA SER B 134 9.70 -18.81 34.84
C SER B 134 10.86 -17.86 34.53
N TRP B 135 11.12 -16.88 35.40
CA TRP B 135 12.25 -16.01 35.17
C TRP B 135 13.58 -16.76 35.21
N ARG B 136 13.74 -17.70 36.15
CA ARG B 136 14.98 -18.49 36.14
C ARG B 136 15.07 -19.28 34.82
N ALA B 137 13.94 -19.78 34.30
CA ALA B 137 14.02 -20.47 33.01
C ALA B 137 14.45 -19.53 31.89
N PHE B 138 13.93 -18.29 31.92
CA PHE B 138 14.30 -17.28 30.93
C PHE B 138 15.80 -17.02 30.99
N GLU B 139 16.36 -17.01 32.21
CA GLU B 139 17.79 -16.80 32.35
C GLU B 139 18.56 -17.92 31.71
N GLN B 140 18.04 -19.16 31.81
CA GLN B 140 18.70 -20.28 31.14
C GLN B 140 18.62 -20.14 29.60
N LEU B 141 17.46 -19.78 29.07
CA LEU B 141 17.33 -19.61 27.62
C LEU B 141 18.29 -18.54 27.11
N TYR B 142 18.43 -17.48 27.91
CA TYR B 142 19.34 -16.40 27.58
C TYR B 142 20.80 -16.85 27.63
N LYS B 143 21.16 -17.62 28.67
CA LYS B 143 22.53 -18.17 28.74
C LYS B 143 22.87 -19.08 27.56
N GLU B 144 21.86 -19.80 27.09
CA GLU B 144 21.98 -20.73 25.95
C GLU B 144 21.97 -20.02 24.61
N LYS B 145 21.81 -18.72 24.62
CA LYS B 145 21.78 -17.89 23.39
C LYS B 145 20.58 -18.25 22.51
N LYS B 146 19.53 -18.79 23.11
CA LYS B 146 18.33 -19.06 22.37
C LYS B 146 17.44 -17.84 22.17
N VAL B 147 17.66 -16.82 23.01
CA VAL B 147 16.88 -15.60 23.00
C VAL B 147 17.84 -14.47 23.23
N ARG B 148 17.65 -13.32 22.57
CA ARG B 148 18.68 -12.28 22.63
C ARG B 148 18.43 -11.32 23.78
N ALA B 149 17.21 -11.32 24.28
CA ALA B 149 16.85 -10.39 25.36
C ALA B 149 15.64 -10.98 26.08
N ILE B 150 15.49 -10.66 27.37
CA ILE B 150 14.36 -11.22 28.14
C ILE B 150 13.72 -10.16 28.97
N GLY B 151 12.41 -10.27 29.14
CA GLY B 151 11.69 -9.22 29.88
C GLY B 151 10.33 -9.70 30.32
N VAL B 152 9.50 -8.77 30.77
CA VAL B 152 8.17 -9.10 31.34
C VAL B 152 7.11 -8.23 30.75
N SER B 153 5.84 -8.52 31.07
CA SER B 153 4.73 -7.73 30.56
C SER B 153 3.68 -7.66 31.66
N ASN B 154 3.05 -6.50 31.79
CA ASN B 154 2.03 -6.26 32.80
C ASN B 154 2.52 -6.44 34.21
N PHE B 155 3.79 -6.09 34.48
CA PHE B 155 4.29 -6.18 35.86
C PHE B 155 4.19 -4.81 36.50
N HIS B 156 3.62 -4.76 37.70
CA HIS B 156 3.65 -3.53 38.49
C HIS B 156 5.01 -3.44 39.16
N ILE B 157 5.29 -2.29 39.74
CA ILE B 157 6.54 -2.16 40.52
C ILE B 157 6.72 -3.30 41.52
N HIS B 158 5.70 -3.70 42.28
CA HIS B 158 5.95 -4.72 43.27
C HIS B 158 6.33 -6.10 42.66
N HIS B 159 5.79 -6.45 41.49
CA HIS B 159 6.21 -7.68 40.81
C HIS B 159 7.65 -7.56 40.36
N LEU B 160 8.00 -6.37 39.85
CA LEU B 160 9.40 -6.15 39.46
C LEU B 160 10.33 -6.23 40.65
N GLU B 161 9.95 -5.67 41.79
CA GLU B 161 10.78 -5.81 42.98
C GLU B 161 11.00 -7.28 43.34
N ASP B 162 9.98 -8.14 43.18
CA ASP B 162 10.16 -9.56 43.47
C ASP B 162 11.24 -10.17 42.55
N VAL B 163 11.17 -9.83 41.26
CA VAL B 163 12.16 -10.35 40.31
C VAL B 163 13.54 -9.82 40.66
N LEU B 164 13.65 -8.52 40.91
CA LEU B 164 14.97 -7.93 41.19
C LEU B 164 15.65 -8.52 42.42
N ALA B 165 14.89 -9.05 43.39
CA ALA B 165 15.49 -9.64 44.56
C ALA B 165 16.09 -11.02 44.30
N MET B 166 15.71 -11.65 43.19
CA MET B 166 16.14 -13.00 42.91
C MET B 166 16.91 -13.20 41.61
N CYS B 167 17.01 -12.19 40.77
CA CYS B 167 17.47 -12.40 39.40
C CYS B 167 19.01 -12.38 39.30
N THR B 168 19.53 -13.08 38.29
CA THR B 168 20.92 -12.93 37.87
C THR B 168 20.99 -12.05 36.62
N VAL B 169 19.87 -11.91 35.91
CA VAL B 169 19.75 -11.02 34.74
C VAL B 169 18.53 -10.14 34.98
N THR B 170 18.70 -8.81 34.93
CA THR B 170 17.58 -7.88 35.12
C THR B 170 16.65 -7.88 33.92
N PRO B 171 15.33 -7.89 34.15
CA PRO B 171 14.41 -7.74 33.02
C PRO B 171 14.75 -6.56 32.17
N MET B 172 14.68 -6.74 30.85
CA MET B 172 15.12 -5.68 29.92
C MET B 172 14.02 -4.79 29.39
N VAL B 173 12.77 -5.28 29.44
CA VAL B 173 11.59 -4.61 28.87
C VAL B 173 10.46 -4.98 29.82
N ASN B 174 9.56 -4.03 30.03
CA ASN B 174 8.27 -4.28 30.70
C ASN B 174 7.23 -3.67 29.78
N GLN B 175 6.41 -4.55 29.20
CA GLN B 175 5.39 -4.09 28.25
C GLN B 175 4.07 -3.97 28.98
N VAL B 176 3.50 -2.77 29.06
CA VAL B 176 2.31 -2.55 29.89
C VAL B 176 1.28 -1.67 29.16
N GLU B 177 0.05 -1.63 29.67
CA GLU B 177 -0.97 -0.79 29.04
C GLU B 177 -0.58 0.66 29.27
N LEU B 178 -0.39 1.45 28.21
CA LEU B 178 0.13 2.79 28.43
C LEU B 178 -0.39 3.65 27.31
N HIS B 179 -1.15 4.67 27.66
CA HIS B 179 -1.69 5.65 26.69
C HIS B 179 -2.04 6.94 27.45
N PRO B 180 -2.50 7.98 26.75
CA PRO B 180 -2.68 9.24 27.49
C PRO B 180 -3.68 9.17 28.64
N LEU B 181 -4.59 8.22 28.67
CA LEU B 181 -5.48 8.12 29.86
C LEU B 181 -4.88 7.31 30.99
N ASN B 182 -3.75 6.64 30.74
CA ASN B 182 -3.08 5.81 31.76
C ASN B 182 -1.60 5.86 31.43
N ASN B 183 -0.93 6.93 31.88
CA ASN B 183 0.41 7.17 31.32
C ASN B 183 1.58 6.51 32.06
N GLN B 184 1.28 5.82 33.17
CA GLN B 184 2.26 4.95 33.82
C GLN B 184 3.46 5.72 34.35
N ALA B 185 3.26 6.96 34.81
CA ALA B 185 4.41 7.78 35.21
C ALA B 185 5.22 7.15 36.34
N ASP B 186 4.55 6.63 37.38
CA ASP B 186 5.29 6.04 38.50
C ASP B 186 6.10 4.82 38.05
N LEU B 187 5.48 3.95 37.26
CA LEU B 187 6.16 2.75 36.78
C LEU B 187 7.33 3.15 35.91
N ARG B 188 7.16 4.17 35.05
CA ARG B 188 8.26 4.64 34.21
C ARG B 188 9.45 5.16 35.02
N ALA B 189 9.18 5.86 36.11
CA ALA B 189 10.29 6.35 36.94
C ALA B 189 11.08 5.20 37.57
N PHE B 190 10.37 4.17 38.04
CA PHE B 190 11.05 3.00 38.63
C PHE B 190 11.84 2.28 37.57
N CYS B 191 11.22 2.03 36.42
CA CYS B 191 11.86 1.25 35.36
C CYS B 191 13.08 2.01 34.86
N ASP B 192 13.02 3.35 34.76
CA ASP B 192 14.23 4.12 34.39
C ASP B 192 15.37 3.91 35.40
N ALA B 193 15.04 3.85 36.69
CA ALA B 193 16.08 3.65 37.71
C ALA B 193 16.74 2.30 37.52
N LYS B 194 15.99 1.33 37.06
CA LYS B 194 16.47 -0.06 36.97
C LYS B 194 16.88 -0.48 35.57
N GLN B 195 16.92 0.48 34.63
CA GLN B 195 17.30 0.22 33.23
C GLN B 195 16.37 -0.79 32.57
N ILE B 196 15.09 -0.72 32.88
CA ILE B 196 14.07 -1.59 32.28
C ILE B 196 13.30 -0.69 31.29
N LYS B 197 13.35 -1.04 30.02
CA LYS B 197 12.67 -0.19 29.00
C LYS B 197 11.18 -0.45 29.05
N VAL B 198 10.40 0.62 28.98
CA VAL B 198 8.95 0.47 29.01
C VAL B 198 8.41 0.45 27.62
N GLU B 199 7.50 -0.48 27.36
CA GLU B 199 6.88 -0.64 26.05
C GLU B 199 5.40 -0.54 26.21
N ALA B 200 4.78 0.26 25.34
CA ALA B 200 3.34 0.53 25.49
C ALA B 200 2.49 -0.42 24.68
N TRP B 201 1.58 -1.15 25.32
CA TRP B 201 0.53 -1.77 24.55
C TRP B 201 -0.75 -1.02 24.70
N SER B 202 -1.60 -1.27 23.70
CA SER B 202 -2.76 -0.51 23.44
C SER B 202 -2.39 0.95 23.41
N PRO B 203 -1.29 1.33 22.68
CA PRO B 203 -0.92 2.76 22.78
C PRO B 203 -2.03 3.69 22.29
N LEU B 204 -2.95 3.22 21.43
CA LEU B 204 -3.98 4.10 20.90
C LEU B 204 -5.29 3.97 21.66
N GLY B 205 -5.24 3.28 22.81
CA GLY B 205 -6.42 3.07 23.63
C GLY B 205 -7.42 2.19 22.90
N LYS B 208 -12.96 5.65 22.02
CA LYS B 208 -13.27 7.06 21.78
C LYS B 208 -12.07 7.99 21.98
N LEU B 209 -10.94 7.41 22.38
CA LEU B 209 -9.73 8.19 22.65
C LEU B 209 -9.20 8.90 21.40
N LEU B 210 -9.29 8.23 20.25
CA LEU B 210 -8.86 8.85 18.99
C LEU B 210 -9.79 9.98 18.55
N SER B 211 -10.93 10.15 19.24
CA SER B 211 -11.79 11.30 19.00
C SER B 211 -11.60 12.43 20.00
N ASN B 212 -10.65 12.29 20.90
CA ASN B 212 -10.38 13.36 21.85
C ASN B 212 -10.04 14.69 21.17
N PRO B 213 -10.77 15.74 21.53
CA PRO B 213 -10.62 17.08 20.95
C PRO B 213 -9.23 17.69 21.10
N ILE B 214 -8.60 17.52 22.26
CA ILE B 214 -7.26 18.04 22.47
C ILE B 214 -6.28 17.37 21.49
N LEU B 215 -6.37 16.04 21.36
CA LEU B 215 -5.47 15.27 20.50
C LEU B 215 -5.68 15.62 19.02
N SER B 216 -6.94 15.80 18.63
CA SER B 216 -7.28 16.17 17.25
C SER B 216 -6.74 17.54 16.90
N ALA B 217 -6.87 18.49 17.83
CA ALA B 217 -6.38 19.85 17.59
C ALA B 217 -4.86 19.90 17.49
N ILE B 218 -4.16 19.09 18.30
CA ILE B 218 -2.71 19.02 18.16
C ILE B 218 -2.36 18.48 16.76
N GLY B 219 -3.01 17.39 16.35
CA GLY B 219 -2.71 16.80 15.05
C GLY B 219 -2.94 17.77 13.92
N ALA B 220 -4.06 18.48 13.99
CA ALA B 220 -4.42 19.42 12.91
C ALA B 220 -3.30 20.45 12.68
N LYS B 221 -2.58 20.83 13.74
CA LYS B 221 -1.42 21.70 13.61
C LYS B 221 -0.30 21.17 12.72
N TYR B 222 -0.14 19.85 12.65
CA TYR B 222 0.99 19.24 11.96
C TYR B 222 0.54 18.39 10.77
N ASN B 223 -0.74 18.53 10.43
CA ASN B 223 -1.40 17.64 9.50
C ASN B 223 -1.19 16.17 9.83
N LYS B 224 -1.43 15.83 11.10
CA LYS B 224 -1.34 14.45 11.55
C LYS B 224 -2.64 14.08 12.24
N THR B 225 -2.92 12.78 12.32
CA THR B 225 -4.11 12.30 12.99
C THR B 225 -3.87 12.24 14.49
N ALA B 226 -4.93 12.18 15.28
CA ALA B 226 -4.77 11.93 16.72
C ALA B 226 -3.95 10.69 17.01
N ALA B 227 -4.10 9.63 16.22
CA ALA B 227 -3.31 8.42 16.42
C ALA B 227 -1.85 8.70 16.23
N GLN B 228 -1.52 9.44 15.17
CA GLN B 228 -0.12 9.79 14.95
C GLN B 228 0.42 10.64 16.10
N VAL B 229 -0.40 11.55 16.61
CA VAL B 229 0.00 12.37 17.77
C VAL B 229 0.34 11.50 18.98
N ILE B 230 -0.52 10.54 19.31
CA ILE B 230 -0.20 9.65 20.42
C ILE B 230 1.09 8.88 20.23
N LEU B 231 1.31 8.32 19.04
CA LEU B 231 2.50 7.52 18.81
C LEU B 231 3.75 8.39 18.85
N ARG B 232 3.65 9.62 18.36
CA ARG B 232 4.78 10.55 18.47
C ARG B 232 5.10 10.88 19.92
N TRP B 233 4.06 11.10 20.71
CA TRP B 233 4.21 11.28 22.15
C TRP B 233 4.91 10.07 22.78
N ASN B 234 4.53 8.84 22.39
CA ASN B 234 5.30 7.67 22.85
C ASN B 234 6.79 7.81 22.51
N ILE B 235 7.12 8.13 21.26
CA ILE B 235 8.51 8.22 20.83
C ILE B 235 9.26 9.27 21.68
N GLN B 236 8.62 10.41 21.93
CA GLN B 236 9.28 11.51 22.65
C GLN B 236 9.43 11.22 24.14
N LYS B 237 8.68 10.25 24.66
CA LYS B 237 8.84 9.81 26.03
C LYS B 237 9.82 8.65 26.10
N ASN B 238 10.48 8.35 24.96
CA ASN B 238 11.46 7.26 24.91
C ASN B 238 10.89 5.87 25.17
N LEU B 239 9.61 5.72 24.84
CA LEU B 239 8.94 4.45 24.98
C LEU B 239 9.01 3.66 23.68
N ILE B 240 8.98 2.35 23.82
CA ILE B 240 8.82 1.48 22.66
C ILE B 240 7.32 1.38 22.43
N THR B 241 6.91 1.40 21.16
CA THR B 241 5.48 1.36 20.88
C THR B 241 5.14 0.39 19.75
N ILE B 242 4.01 -0.29 19.92
CA ILE B 242 3.64 -1.43 19.06
C ILE B 242 2.17 -1.38 18.68
N PRO B 243 1.78 -0.33 17.95
CA PRO B 243 0.36 -0.21 17.60
C PRO B 243 -0.05 -1.38 16.72
N LYS B 244 -1.26 -1.88 16.97
CA LYS B 244 -1.84 -2.96 16.18
C LYS B 244 -2.80 -2.47 15.12
N SER B 245 -2.62 -2.99 13.91
CA SER B 245 -3.61 -2.83 12.85
C SER B 245 -3.48 -3.98 11.90
N VAL B 246 -4.57 -4.35 11.23
CA VAL B 246 -4.48 -5.36 10.18
C VAL B 246 -4.73 -4.70 8.84
N HIS B 247 -4.91 -3.38 8.82
CA HIS B 247 -5.23 -2.70 7.54
C HIS B 247 -4.02 -1.99 6.98
N ARG B 248 -3.72 -2.23 5.71
CA ARG B 248 -2.46 -1.74 5.14
C ARG B 248 -2.29 -0.24 5.30
N GLU B 249 -3.35 0.53 4.99
CA GLU B 249 -3.25 1.99 5.04
C GLU B 249 -2.98 2.52 6.42
N ARG B 250 -3.58 1.87 7.42
CA ARG B 250 -3.39 2.30 8.82
C ARG B 250 -2.00 1.88 9.33
N ILE B 251 -1.53 0.72 8.89
CA ILE B 251 -0.18 0.29 9.24
C ILE B 251 0.83 1.32 8.74
N GLU B 252 0.63 1.80 7.51
CA GLU B 252 1.52 2.83 6.98
C GLU B 252 1.34 4.17 7.70
N GLU B 253 0.09 4.56 7.97
CA GLU B 253 -0.17 5.83 8.63
C GLU B 253 0.46 5.85 10.01
N ASN B 254 0.32 4.76 10.77
CA ASN B 254 0.85 4.72 12.13
C ASN B 254 2.36 4.97 12.15
N ALA B 255 3.09 4.48 11.13
CA ALA B 255 4.57 4.60 11.10
C ALA B 255 5.02 6.00 10.62
N ASP B 256 4.09 6.79 10.11
CA ASP B 256 4.46 8.08 9.49
C ASP B 256 4.51 9.18 10.55
N ILE B 257 5.45 9.04 11.47
CA ILE B 257 5.53 9.94 12.64
C ILE B 257 6.96 10.43 12.86
N PHE B 258 7.79 10.35 11.81
CA PHE B 258 9.20 10.66 12.00
C PHE B 258 9.56 11.90 11.23
N ASP B 259 8.53 12.66 10.84
CA ASP B 259 8.76 13.86 10.06
C ASP B 259 8.12 15.06 10.74
N PHE B 260 7.80 14.95 12.04
CA PHE B 260 7.36 16.11 12.83
C PHE B 260 7.71 15.87 14.28
N GLU B 261 7.54 16.91 15.10
CA GLU B 261 7.79 16.80 16.53
C GLU B 261 6.74 17.57 17.28
N LEU B 262 6.41 17.08 18.47
CA LEU B 262 5.51 17.77 19.36
C LEU B 262 6.33 18.70 20.23
N GLY B 263 5.85 19.93 20.38
CA GLY B 263 6.54 20.87 21.23
C GLY B 263 6.21 20.68 22.68
N ALA B 264 6.86 21.45 23.55
CA ALA B 264 6.69 21.24 24.97
C ALA B 264 5.24 21.45 25.43
N GLU B 265 4.56 22.44 24.85
CA GLU B 265 3.15 22.70 25.22
C GLU B 265 2.24 21.56 24.76
N ASP B 266 2.49 21.05 23.56
CA ASP B 266 1.74 19.88 23.09
C ASP B 266 1.89 18.70 24.04
N VAL B 267 3.13 18.38 24.42
CA VAL B 267 3.40 17.24 25.30
C VAL B 267 2.74 17.45 26.66
N MET B 268 2.85 18.65 27.20
CA MET B 268 2.20 18.95 28.47
CA MET B 268 2.19 18.95 28.47
C MET B 268 0.69 18.72 28.40
N SER B 269 0.07 19.11 27.28
CA SER B 269 -1.38 18.95 27.16
CA SER B 269 -1.38 18.96 27.10
C SER B 269 -1.77 17.49 27.06
N ILE B 270 -0.92 16.67 26.47
CA ILE B 270 -1.19 15.24 26.40
C ILE B 270 -1.02 14.62 27.75
N ASP B 271 0.05 15.02 28.46
CA ASP B 271 0.28 14.54 29.81
C ASP B 271 -0.89 14.86 30.76
N ALA B 272 -1.57 15.95 30.51
CA ALA B 272 -2.71 16.39 31.31
C ALA B 272 -3.95 15.54 31.15
N LEU B 273 -3.97 14.68 30.15
CA LEU B 273 -5.14 13.85 29.91
C LEU B 273 -5.21 12.65 30.87
N ASN B 274 -4.13 12.38 31.61
CA ASN B 274 -4.08 11.15 32.41
C ASN B 274 -5.16 11.09 33.47
N THR B 275 -5.81 9.94 33.55
CA THR B 275 -6.79 9.71 34.60
C THR B 275 -6.59 8.36 35.28
N ASN B 276 -5.45 7.72 35.02
CA ASN B 276 -5.18 6.36 35.51
C ASN B 276 -6.32 5.40 35.18
N SER B 277 -6.87 5.55 33.97
CA SER B 277 -7.99 4.71 33.54
CA SER B 277 -7.99 4.71 33.57
C SER B 277 -7.51 3.61 32.62
N ARG B 278 -7.73 2.35 33.00
CA ARG B 278 -7.37 1.19 32.17
C ARG B 278 -8.48 0.68 31.28
N TYR B 279 -8.16 0.26 30.07
CA TYR B 279 -9.12 -0.47 29.25
C TYR B 279 -8.92 -1.97 29.47
N GLY B 280 -7.71 -2.37 29.89
CA GLY B 280 -7.37 -3.78 30.04
C GLY B 280 -7.37 -4.15 31.51
N PRO B 281 -7.20 -5.43 31.80
CA PRO B 281 -7.18 -5.92 33.19
C PRO B 281 -6.06 -5.27 34.01
N ASP B 282 -6.33 -4.99 35.28
CA ASP B 282 -5.27 -4.64 36.22
C ASP B 282 -4.58 -5.96 36.59
N PRO B 283 -3.26 -6.05 36.37
CA PRO B 283 -2.50 -7.28 36.64
C PRO B 283 -2.63 -7.80 38.06
N ASP B 284 -2.94 -6.92 39.02
CA ASP B 284 -3.16 -7.38 40.41
C ASP B 284 -4.50 -8.07 40.59
N GLU B 285 -5.53 -7.65 39.83
CA GLU B 285 -6.89 -8.10 40.09
C GLU B 285 -7.34 -9.19 39.12
N ALA B 286 -6.56 -9.40 38.08
CA ALA B 286 -6.92 -10.39 37.05
C ALA B 286 -7.26 -11.76 37.59
N GLN B 287 -8.33 -12.38 37.07
CA GLN B 287 -8.64 -13.75 37.46
C GLN B 287 -8.18 -14.71 36.40
N PHE B 288 -6.95 -14.49 35.93
CA PHE B 288 -6.25 -15.40 35.02
C PHE B 288 -4.79 -15.13 35.20
C1 CIT C . 16.06 13.61 -26.33
O1 CIT C . 15.72 12.42 -26.08
O2 CIT C . 16.99 13.83 -27.16
C2 CIT C . 15.39 14.79 -25.65
C3 CIT C . 13.99 14.54 -25.10
O7 CIT C . 13.12 14.03 -26.16
C4 CIT C . 13.48 15.85 -24.50
C5 CIT C . 12.00 15.80 -24.27
O3 CIT C . 11.30 14.85 -24.74
O4 CIT C . 11.42 16.70 -23.60
C6 CIT C . 14.07 13.57 -23.93
O5 CIT C . 13.38 12.51 -23.93
O6 CIT C . 14.85 13.83 -22.97
C1 EDO D . 6.66 10.62 -18.36
O1 EDO D . 7.92 9.99 -18.06
C2 EDO D . 6.72 12.09 -17.96
O2 EDO D . 7.69 12.77 -18.79
C1 EDO E . 15.78 10.97 -28.97
O1 EDO E . 15.61 10.41 -27.65
C2 EDO E . 14.46 11.05 -29.71
O2 EDO E . 13.43 11.70 -28.95
C1 EDO F . 1.22 15.52 -40.97
O1 EDO F . 0.66 14.23 -41.28
C2 EDO F . 2.54 15.62 -41.73
O2 EDO F . 3.36 14.49 -41.40
C1 EDO G . 9.89 15.70 -27.37
O1 EDO G . 9.69 16.22 -26.03
C2 EDO G . 10.87 16.59 -28.13
O2 EDO G . 11.12 15.93 -29.38
C1 EDO H . -13.30 7.26 -45.86
O1 EDO H . -14.14 6.10 -45.96
C2 EDO H . -11.92 6.85 -45.35
O2 EDO H . -11.19 6.20 -46.40
C1 EDO I . -17.68 16.64 -21.34
O1 EDO I . -16.82 17.73 -21.65
C2 EDO I . -17.95 16.70 -19.84
O2 EDO I . -18.34 15.41 -19.40
C1 EDO J . -13.07 3.98 -22.58
O1 EDO J . -13.47 5.27 -22.07
C2 EDO J . -13.69 3.83 -23.97
O2 EDO J . -13.09 4.72 -24.95
C1 EDO K . 4.58 22.32 -31.59
O1 EDO K . 4.47 23.07 -32.83
C2 EDO K . 5.65 21.26 -31.83
O2 EDO K . 6.92 21.88 -32.15
C1 EDO L . -8.52 -3.06 -17.37
O1 EDO L . -8.67 -1.76 -17.90
C2 EDO L . -9.79 -3.82 -17.71
O2 EDO L . -9.60 -4.45 -18.99
CL CL M . 8.36 -20.82 -27.35
C1 CIT N . 24.82 -6.35 18.28
O1 CIT N . 24.58 -7.46 17.74
O2 CIT N . 23.93 -5.78 18.94
C2 CIT N . 26.20 -5.74 18.12
C3 CIT N . 26.22 -4.25 18.44
O7 CIT N . 25.58 -3.98 19.72
C4 CIT N . 27.67 -3.78 18.50
C5 CIT N . 27.80 -2.33 18.91
O3 CIT N . 28.88 -1.91 19.42
O4 CIT N . 26.87 -1.52 18.73
C6 CIT N . 25.43 -3.54 17.36
O5 CIT N . 25.87 -3.58 16.19
O6 CIT N . 24.36 -2.90 17.63
C1 EDO O . 27.18 0.07 21.33
O1 EDO O . 26.24 0.45 20.29
C2 EDO O . 26.51 -0.28 22.64
O2 EDO O . 25.58 -1.36 22.59
C1 EDO P . 16.98 -6.67 14.35
O1 EDO P . 18.38 -6.53 14.65
C2 EDO P . 16.27 -5.36 14.66
O2 EDO P . 16.88 -4.28 13.93
C1 EDO Q . 25.78 -7.79 21.82
O1 EDO Q . 25.63 -8.85 22.79
C2 EDO Q . 25.07 -6.58 22.42
O2 EDO Q . 25.78 -6.22 23.61
C1 EDO R . 24.54 -13.09 27.29
O1 EDO R . 25.97 -12.97 27.15
C2 EDO R . 24.15 -14.57 27.43
O2 EDO R . 24.72 -15.04 28.67
C1 EDO S . -7.76 -2.32 12.98
O1 EDO S . -6.86 -3.44 12.91
C2 EDO S . -7.09 -1.10 12.41
O2 EDO S . -6.65 -1.54 11.13
C1 EDO T . -2.16 -7.75 26.93
O1 EDO T . -0.88 -8.07 27.57
C2 EDO T . -1.97 -7.77 25.43
O2 EDO T . -1.73 -9.14 24.96
C1 EDO U . -9.72 6.30 37.25
O1 EDO U . -10.09 7.39 36.35
C2 EDO U . -10.86 5.37 37.63
O2 EDO U . -11.14 4.71 36.38
C1 EDO V . 12.65 9.77 16.02
O1 EDO V . 13.92 9.34 15.50
C2 EDO V . 12.44 11.25 15.70
O2 EDO V . 12.17 11.47 14.30
C1 EDO W . -1.05 -20.51 24.77
O1 EDO W . -2.20 -21.37 24.93
C2 EDO W . 0.19 -21.31 24.37
O2 EDO W . 1.03 -21.58 25.51
#